data_8A0X
#
_entry.id   8A0X
#
_cell.length_a   113.620
_cell.length_b   113.620
_cell.length_c   121.050
_cell.angle_alpha   90.000
_cell.angle_beta   90.000
_cell.angle_gamma   90.000
#
_symmetry.space_group_name_H-M   'P 41 21 2'
#
loop_
_entity.id
_entity.type
_entity.pdbx_description
1 polymer 'Antitoxin HigA-2'
2 polymer 'Toxin HigB-2'
3 polymer 'DNA (30-MER)'
4 polymer 'DNA (31-MER)'
5 non-polymer 'MAGNESIUM ION'
#
loop_
_entity_poly.entity_id
_entity_poly.type
_entity_poly.pdbx_seq_one_letter_code
_entity_poly.pdbx_strand_id
1 'polypeptide(L)'
;SNRDLFAELSSALVEAKQHSEGKLTLKTHHVNDVGELNISPDEIVSIREQFNMSRGVFARLLHTSSRTLENWEQGRSVPN
GQAVTLLKLVQRHPETLSHIAEL
;
A,B
2 'polypeptide(L)'
;GSHMKSVFVESTIFEKYRDEYLSDEEYRLFQAELMLNPKLGDVIQGTGGLRKIRVASKGKGKRGGSRIIYYFLDEKRRFY
LLTIYGKNEMSDLNANQRKQLMAFMEAWRNEQS
;
C,D
3 'polydeoxyribonucleotide'
;(DC)(DG)(DC)(DC)(DA)(DT)(DC)(DT)(DG)(DT)(DA)(DC)(DG)(DC)(DT)(DT)(DG)(DG)(DT)(DG)
(DC)(DG)(DT)(DA)(DC)(DA)(DC)(DT)(DT)(DC)(DC)
;
E
4 'polydeoxyribonucleotide'
;(DG)(DG)(DG)(DA)(DA)(DG)(DT)(DG)(DT)(DA)(DC)(DG)(DC)(DA)(DC)(DC)(DA)(DA)(DG)(DC)
(DG)(DT)(DA)(DC)(DA)(DG)(DA)(DT)(DG)(DG)(DC)
;
F
#
loop_
_chem_comp.id
_chem_comp.type
_chem_comp.name
_chem_comp.formula
DA DNA linking 2'-DEOXYADENOSINE-5'-MONOPHOSPHATE 'C10 H14 N5 O6 P'
DC DNA linking 2'-DEOXYCYTIDINE-5'-MONOPHOSPHATE 'C9 H14 N3 O7 P'
DG DNA linking 2'-DEOXYGUANOSINE-5'-MONOPHOSPHATE 'C10 H14 N5 O7 P'
DT DNA linking THYMIDINE-5'-MONOPHOSPHATE 'C10 H15 N2 O8 P'
MG non-polymer 'MAGNESIUM ION' 'Mg 2'
#
# COMPACT_ATOMS: atom_id res chain seq x y z
N SER A 1 0.75 34.82 4.06
CA SER A 1 1.86 35.68 4.47
C SER A 1 2.24 36.66 3.36
N ASN A 2 3.11 37.60 3.70
CA ASN A 2 3.65 38.53 2.71
C ASN A 2 4.67 37.78 1.85
N ARG A 3 4.36 37.60 0.56
CA ARG A 3 5.07 36.70 -0.32
C ARG A 3 5.03 37.25 -1.73
N ASP A 4 6.20 37.55 -2.32
CA ASP A 4 6.31 38.21 -3.60
C ASP A 4 6.68 37.21 -4.68
N LEU A 5 5.90 37.18 -5.76
CA LEU A 5 6.12 36.19 -6.81
C LEU A 5 7.44 36.43 -7.54
N PHE A 6 7.62 37.65 -8.05
CA PHE A 6 8.81 37.93 -8.84
C PHE A 6 10.09 37.73 -8.04
N ALA A 7 10.08 38.12 -6.77
CA ALA A 7 11.27 37.97 -5.95
C ALA A 7 11.66 36.51 -5.79
N GLU A 8 10.68 35.64 -5.55
CA GLU A 8 10.98 34.23 -5.36
C GLU A 8 11.40 33.59 -6.67
N LEU A 9 10.72 33.93 -7.76
CA LEU A 9 11.13 33.40 -9.06
C LEU A 9 12.54 33.84 -9.42
N SER A 10 12.90 35.08 -9.10
CA SER A 10 14.25 35.54 -9.38
C SER A 10 15.29 34.78 -8.55
N SER A 11 15.06 34.66 -7.24
CA SER A 11 16.01 33.90 -6.41
C SER A 11 16.13 32.46 -6.85
N ALA A 12 15.00 31.85 -7.24
CA ALA A 12 15.01 30.46 -7.63
C ALA A 12 15.69 30.28 -8.98
N LEU A 13 15.53 31.23 -9.88
CA LEU A 13 16.15 31.11 -11.19
C LEU A 13 17.64 31.38 -11.13
N VAL A 14 18.10 32.23 -10.21
CA VAL A 14 19.55 32.36 -10.11
C VAL A 14 20.13 31.11 -9.44
N GLU A 15 19.39 30.50 -8.50
CA GLU A 15 19.83 29.20 -7.98
C GLU A 15 19.88 28.16 -9.09
N ALA A 16 18.87 28.15 -9.96
CA ALA A 16 18.82 27.14 -11.01
C ALA A 16 19.97 27.28 -11.99
N LYS A 17 20.25 28.51 -12.43
CA LYS A 17 21.38 28.70 -13.33
C LYS A 17 22.68 28.29 -12.67
N GLN A 18 22.88 28.70 -11.41
CA GLN A 18 24.11 28.34 -10.72
C GLN A 18 24.22 26.83 -10.53
N HIS A 19 23.10 26.16 -10.30
CA HIS A 19 23.12 24.71 -10.13
C HIS A 19 23.46 24.01 -11.44
N SER A 20 22.89 24.50 -12.55
CA SER A 20 23.19 23.90 -13.86
C SER A 20 24.65 24.10 -14.22
N GLU A 21 25.24 25.24 -13.84
CA GLU A 21 26.67 25.40 -14.05
C GLU A 21 27.51 24.49 -13.16
N GLY A 22 26.93 23.97 -12.08
CA GLY A 22 27.65 23.11 -11.16
C GLY A 22 28.30 23.82 -10.00
N LYS A 23 27.91 25.06 -9.71
CA LYS A 23 28.47 25.86 -8.64
C LYS A 23 27.64 25.80 -7.36
N LEU A 24 26.57 25.01 -7.33
CA LEU A 24 25.64 25.01 -6.21
C LEU A 24 25.02 23.63 -6.05
N THR A 25 24.71 23.26 -4.80
CA THR A 25 24.11 21.97 -4.48
C THR A 25 22.66 22.18 -4.05
N LEU A 26 21.75 21.47 -4.71
CA LEU A 26 20.32 21.54 -4.39
C LEU A 26 19.76 20.13 -4.21
N LYS A 27 18.69 20.03 -3.42
CA LYS A 27 18.07 18.74 -3.14
C LYS A 27 17.46 18.15 -4.41
N THR A 28 17.81 16.90 -4.72
CA THR A 28 17.43 16.28 -5.97
C THR A 28 16.80 14.92 -5.70
N HIS A 29 15.67 14.66 -6.34
CA HIS A 29 15.00 13.37 -6.29
C HIS A 29 14.91 12.86 -7.73
N HIS A 30 15.40 11.66 -7.98
CA HIS A 30 15.21 11.02 -9.28
C HIS A 30 13.93 10.20 -9.28
N VAL A 31 13.39 9.95 -10.47
CA VAL A 31 12.35 8.94 -10.63
C VAL A 31 12.59 8.17 -11.92
N ASN A 32 12.54 6.84 -11.83
CA ASN A 32 12.62 5.97 -13.00
C ASN A 32 11.23 5.81 -13.60
N ASP A 33 11.16 5.72 -14.92
CA ASP A 33 9.87 5.51 -15.55
C ASP A 33 9.39 4.07 -15.32
N VAL A 34 8.09 3.85 -15.51
CA VAL A 34 7.52 2.54 -15.23
C VAL A 34 8.04 1.52 -16.24
N GLY A 35 8.17 0.28 -15.77
CA GLY A 35 8.81 -0.78 -16.51
C GLY A 35 7.80 -1.81 -17.01
N GLU A 36 8.30 -2.69 -17.86
CA GLU A 36 7.51 -3.80 -18.40
C GLU A 36 7.62 -4.96 -17.42
N LEU A 37 6.60 -5.14 -16.60
CA LEU A 37 6.57 -6.17 -15.59
C LEU A 37 6.14 -7.52 -16.19
N ASN A 38 6.83 -8.59 -15.79
CA ASN A 38 6.45 -9.94 -16.18
C ASN A 38 6.77 -10.89 -15.02
N ILE A 39 6.22 -12.10 -15.11
CA ILE A 39 6.36 -13.05 -14.02
C ILE A 39 6.22 -14.46 -14.61
N SER A 40 7.07 -15.37 -14.12
CA SER A 40 7.04 -16.77 -14.51
C SER A 40 6.13 -17.55 -13.57
N PRO A 41 5.69 -18.75 -13.98
CA PRO A 41 4.90 -19.59 -13.06
C PRO A 41 5.63 -19.94 -11.78
N ASP A 42 6.94 -20.24 -11.89
CA ASP A 42 7.72 -20.52 -10.70
C ASP A 42 7.74 -19.31 -9.78
N GLU A 43 7.86 -18.10 -10.34
CA GLU A 43 7.87 -16.91 -9.51
C GLU A 43 6.54 -16.73 -8.78
N ILE A 44 5.42 -17.06 -9.44
CA ILE A 44 4.12 -17.00 -8.77
C ILE A 44 4.08 -17.97 -7.60
N VAL A 45 4.51 -19.21 -7.85
CA VAL A 45 4.55 -20.21 -6.79
C VAL A 45 5.40 -19.73 -5.62
N SER A 46 6.57 -19.15 -5.92
CA SER A 46 7.48 -18.73 -4.85
C SER A 46 6.86 -17.60 -4.05
N ILE A 47 6.18 -16.66 -4.73
CA ILE A 47 5.47 -15.61 -4.02
C ILE A 47 4.50 -16.22 -3.02
N ARG A 48 3.69 -17.17 -3.48
CA ARG A 48 2.66 -17.71 -2.60
C ARG A 48 3.26 -18.55 -1.49
N GLU A 49 4.37 -19.24 -1.77
CA GLU A 49 5.02 -20.07 -0.76
C GLU A 49 5.69 -19.20 0.30
N GLN A 50 6.10 -17.97 -0.06
CA GLN A 50 6.60 -17.02 0.93
C GLN A 50 5.57 -16.73 2.01
N PHE A 51 4.28 -16.79 1.67
CA PHE A 51 3.24 -16.61 2.66
C PHE A 51 2.85 -17.91 3.35
N ASN A 52 3.36 -19.05 2.89
CA ASN A 52 2.99 -20.37 3.42
C ASN A 52 1.48 -20.58 3.38
N MET A 53 0.89 -20.28 2.22
CA MET A 53 -0.55 -20.39 2.00
C MET A 53 -0.83 -21.40 0.91
N SER A 54 -1.90 -22.16 1.08
CA SER A 54 -2.35 -23.03 0.00
C SER A 54 -2.86 -22.17 -1.16
N ARG A 55 -3.03 -22.82 -2.31
CA ARG A 55 -3.52 -22.11 -3.49
C ARG A 55 -4.88 -21.48 -3.24
N GLY A 56 -5.77 -22.24 -2.61
CA GLY A 56 -7.12 -21.72 -2.36
C GLY A 56 -7.12 -20.45 -1.53
N VAL A 57 -6.44 -20.48 -0.38
CA VAL A 57 -6.41 -19.33 0.51
C VAL A 57 -5.78 -18.12 -0.17
N PHE A 58 -4.68 -18.33 -0.89
CA PHE A 58 -4.02 -17.21 -1.57
C PHE A 58 -4.94 -16.60 -2.63
N ALA A 59 -5.53 -17.44 -3.47
CA ALA A 59 -6.47 -16.94 -4.49
C ALA A 59 -7.61 -16.17 -3.84
N ARG A 60 -8.17 -16.72 -2.75
CA ARG A 60 -9.27 -16.07 -2.05
C ARG A 60 -8.87 -14.67 -1.56
N LEU A 61 -7.71 -14.56 -0.94
CA LEU A 61 -7.24 -13.28 -0.45
C LEU A 61 -6.89 -12.31 -1.57
N LEU A 62 -6.60 -12.80 -2.78
CA LEU A 62 -6.31 -11.92 -3.90
C LEU A 62 -7.50 -11.67 -4.80
N HIS A 63 -8.71 -12.00 -4.36
CA HIS A 63 -9.89 -11.84 -5.21
C HIS A 63 -9.62 -12.45 -6.58
N THR A 64 -9.22 -13.72 -6.58
CA THR A 64 -8.87 -14.39 -7.81
C THR A 64 -9.44 -15.79 -7.82
N SER A 65 -9.92 -16.23 -8.97
CA SER A 65 -10.36 -17.62 -9.09
C SER A 65 -9.19 -18.54 -8.81
N SER A 66 -9.43 -19.54 -7.96
CA SER A 66 -8.37 -20.50 -7.67
C SER A 66 -8.06 -21.36 -8.88
N ARG A 67 -9.03 -21.58 -9.77
CA ARG A 67 -8.74 -22.34 -10.98
C ARG A 67 -7.91 -21.52 -11.97
N THR A 68 -8.12 -20.20 -12.02
CA THR A 68 -7.27 -19.36 -12.86
C THR A 68 -5.85 -19.29 -12.29
N LEU A 69 -5.72 -19.15 -10.97
CA LEU A 69 -4.41 -19.20 -10.36
C LEU A 69 -3.75 -20.55 -10.63
N GLU A 70 -4.54 -21.62 -10.65
CA GLU A 70 -4.04 -22.92 -11.05
C GLU A 70 -3.49 -22.90 -12.47
N ASN A 71 -4.26 -22.33 -13.40
CA ASN A 71 -3.79 -22.16 -14.77
C ASN A 71 -2.46 -21.41 -14.81
N TRP A 72 -2.31 -20.38 -13.99
CA TRP A 72 -1.06 -19.62 -14.02
C TRP A 72 0.11 -20.45 -13.51
N GLU A 73 -0.05 -21.08 -12.34
CA GLU A 73 1.08 -21.79 -11.74
C GLU A 73 1.45 -23.04 -12.50
N GLN A 74 0.48 -23.70 -13.14
CA GLN A 74 0.84 -24.82 -13.99
C GLN A 74 1.40 -24.35 -15.31
N GLY A 75 1.32 -23.06 -15.59
CA GLY A 75 1.82 -22.53 -16.84
C GLY A 75 0.93 -22.80 -18.03
N ARG A 76 -0.37 -22.99 -17.80
CA ARG A 76 -1.29 -23.16 -18.90
C ARG A 76 -1.59 -21.81 -19.57
N SER A 77 -1.74 -20.75 -18.78
CA SER A 77 -2.01 -19.43 -19.33
C SER A 77 -1.05 -18.41 -18.75
N VAL A 78 -0.84 -17.34 -19.51
CA VAL A 78 -0.04 -16.19 -19.09
C VAL A 78 -0.97 -15.27 -18.33
N PRO A 79 -0.64 -14.87 -17.10
CA PRO A 79 -1.55 -14.00 -16.37
C PRO A 79 -1.71 -12.68 -17.10
N ASN A 80 -2.89 -12.08 -16.95
CA ASN A 80 -3.12 -10.78 -17.56
C ASN A 80 -2.19 -9.74 -16.90
N GLY A 81 -2.02 -8.61 -17.59
CA GLY A 81 -1.07 -7.63 -17.12
C GLY A 81 -1.37 -7.16 -15.71
N GLN A 82 -2.65 -6.95 -15.40
CA GLN A 82 -3.02 -6.50 -14.07
C GLN A 82 -2.73 -7.58 -13.02
N ALA A 83 -2.84 -8.85 -13.39
CA ALA A 83 -2.53 -9.92 -12.44
C ALA A 83 -1.05 -9.91 -12.09
N VAL A 84 -0.20 -9.76 -13.10
CA VAL A 84 1.24 -9.65 -12.87
C VAL A 84 1.53 -8.47 -11.96
N THR A 85 0.92 -7.32 -12.27
CA THR A 85 1.11 -6.12 -11.46
C THR A 85 0.71 -6.37 -10.01
N LEU A 86 -0.47 -6.97 -9.81
CA LEU A 86 -0.99 -7.24 -8.48
C LEU A 86 -0.08 -8.18 -7.71
N LEU A 87 0.26 -9.30 -8.35
CA LEU A 87 1.14 -10.29 -7.73
C LEU A 87 2.46 -9.67 -7.31
N LYS A 88 3.09 -8.90 -8.19
CA LYS A 88 4.39 -8.31 -7.85
C LYS A 88 4.24 -7.21 -6.80
N LEU A 89 3.12 -6.51 -6.79
CA LEU A 89 2.86 -5.56 -5.72
C LEU A 89 2.84 -6.28 -4.38
N VAL A 90 2.12 -7.39 -4.31
CA VAL A 90 2.07 -8.17 -3.08
C VAL A 90 3.46 -8.70 -2.72
N GLN A 91 4.20 -9.21 -3.71
CA GLN A 91 5.53 -9.76 -3.48
C GLN A 91 6.45 -8.73 -2.84
N ARG A 92 6.43 -7.50 -3.36
CA ARG A 92 7.39 -6.51 -2.86
C ARG A 92 6.89 -5.86 -1.58
N HIS A 93 5.58 -5.64 -1.46
CA HIS A 93 4.95 -5.07 -0.27
C HIS A 93 3.90 -6.06 0.20
N PRO A 94 4.27 -7.06 1.00
CA PRO A 94 3.31 -8.10 1.39
C PRO A 94 2.16 -7.60 2.26
N GLU A 95 2.34 -6.48 2.97
CA GLU A 95 1.25 -5.97 3.77
C GLU A 95 0.02 -5.64 2.93
N THR A 96 0.24 -5.27 1.67
CA THR A 96 -0.84 -5.01 0.74
C THR A 96 -1.87 -6.12 0.74
N LEU A 97 -1.43 -7.37 0.91
CA LEU A 97 -2.37 -8.48 0.81
C LEU A 97 -3.54 -8.31 1.76
N SER A 98 -3.26 -7.96 3.02
CA SER A 98 -4.37 -7.83 3.96
C SER A 98 -5.32 -6.74 3.49
N HIS A 99 -4.78 -5.61 3.03
CA HIS A 99 -5.62 -4.52 2.55
C HIS A 99 -6.41 -4.95 1.31
N ILE A 100 -5.81 -5.78 0.45
CA ILE A 100 -6.53 -6.26 -0.71
C ILE A 100 -7.72 -7.11 -0.27
N ALA A 101 -7.53 -7.90 0.78
CA ALA A 101 -8.65 -8.68 1.29
C ALA A 101 -9.70 -7.77 1.90
N GLU A 102 -9.29 -6.60 2.40
CA GLU A 102 -10.22 -5.75 3.14
C GLU A 102 -11.28 -5.13 2.23
N LEU A 103 -10.93 -4.85 0.97
CA LEU A 103 -11.86 -4.29 0.00
C LEU A 103 -13.22 -5.00 -0.05
N SER B 1 13.82 -20.51 31.13
CA SER B 1 12.58 -19.94 30.65
C SER B 1 11.97 -19.03 31.70
N ASN B 2 11.77 -17.76 31.34
CA ASN B 2 11.12 -16.80 32.21
C ASN B 2 9.61 -16.95 32.23
N ARG B 3 9.05 -17.89 31.46
CA ARG B 3 7.61 -17.97 31.27
C ARG B 3 7.24 -19.43 31.10
N ASP B 4 6.33 -19.91 31.95
CA ASP B 4 5.95 -21.30 31.99
C ASP B 4 4.64 -21.45 31.23
N LEU B 5 4.58 -22.45 30.34
CA LEU B 5 3.45 -22.56 29.43
C LEU B 5 2.14 -22.76 30.16
N PHE B 6 2.09 -23.73 31.09
CA PHE B 6 0.82 -24.06 31.73
C PHE B 6 0.20 -22.87 32.44
N ALA B 7 1.00 -22.04 33.11
CA ALA B 7 0.40 -20.92 33.84
C ALA B 7 -0.33 -19.98 32.89
N GLU B 8 0.29 -19.68 31.74
CA GLU B 8 -0.34 -18.77 30.78
C GLU B 8 -1.53 -19.43 30.10
N LEU B 9 -1.39 -20.71 29.72
CA LEU B 9 -2.49 -21.42 29.08
C LEU B 9 -3.69 -21.55 30.01
N SER B 10 -3.45 -21.81 31.30
CA SER B 10 -4.54 -21.92 32.27
C SER B 10 -5.22 -20.59 32.48
N SER B 11 -4.45 -19.52 32.71
CA SER B 11 -5.06 -18.21 32.87
C SER B 11 -5.87 -17.81 31.63
N ALA B 12 -5.37 -18.18 30.45
CA ALA B 12 -6.07 -17.80 29.23
C ALA B 12 -7.35 -18.61 29.06
N LEU B 13 -7.34 -19.90 29.41
CA LEU B 13 -8.57 -20.67 29.25
C LEU B 13 -9.61 -20.32 30.31
N VAL B 14 -9.19 -19.92 31.50
CA VAL B 14 -10.20 -19.48 32.47
C VAL B 14 -10.74 -18.12 32.06
N GLU B 15 -9.91 -17.27 31.45
CA GLU B 15 -10.43 -16.05 30.85
C GLU B 15 -11.43 -16.36 29.74
N ALA B 16 -11.14 -17.38 28.93
CA ALA B 16 -12.03 -17.75 27.83
C ALA B 16 -13.36 -18.25 28.35
N LYS B 17 -13.31 -19.09 29.40
CA LYS B 17 -14.56 -19.59 29.99
C LYS B 17 -15.37 -18.43 30.56
N GLN B 18 -14.72 -17.50 31.27
CA GLN B 18 -15.46 -16.37 31.83
C GLN B 18 -16.02 -15.46 30.73
N HIS B 19 -15.29 -15.29 29.62
CA HIS B 19 -15.82 -14.46 28.53
C HIS B 19 -17.01 -15.14 27.87
N SER B 20 -16.96 -16.46 27.70
CA SER B 20 -18.10 -17.18 27.14
C SER B 20 -19.30 -17.11 28.08
N GLU B 21 -19.07 -17.12 29.40
CA GLU B 21 -20.16 -16.95 30.35
C GLU B 21 -20.76 -15.55 30.33
N GLY B 22 -20.00 -14.55 29.87
CA GLY B 22 -20.46 -13.18 29.84
C GLY B 22 -20.12 -12.36 31.07
N LYS B 23 -19.22 -12.84 31.93
CA LYS B 23 -18.85 -12.17 33.15
C LYS B 23 -17.56 -11.36 33.01
N LEU B 24 -16.98 -11.28 31.81
CA LEU B 24 -15.66 -10.67 31.64
C LEU B 24 -15.59 -10.01 30.27
N THR B 25 -14.83 -8.91 30.21
CA THR B 25 -14.62 -8.15 28.98
C THR B 25 -13.18 -8.31 28.52
N LEU B 26 -12.99 -8.70 27.26
CA LEU B 26 -11.67 -8.85 26.65
C LEU B 26 -11.61 -8.08 25.35
N LYS B 27 -10.41 -7.63 24.99
CA LYS B 27 -10.24 -6.87 23.75
C LYS B 27 -10.51 -7.77 22.56
N THR B 28 -11.38 -7.31 21.66
CA THR B 28 -11.93 -8.13 20.59
C THR B 28 -11.77 -7.41 19.25
N HIS B 29 -11.26 -8.15 18.25
CA HIS B 29 -11.14 -7.66 16.88
C HIS B 29 -11.96 -8.57 15.97
N HIS B 30 -12.87 -7.99 15.22
CA HIS B 30 -13.55 -8.71 14.15
C HIS B 30 -12.81 -8.49 12.86
N VAL B 31 -13.05 -9.37 11.89
CA VAL B 31 -12.65 -9.12 10.50
C VAL B 31 -13.79 -9.59 9.60
N ASN B 32 -14.13 -8.77 8.61
CA ASN B 32 -15.21 -9.05 7.67
C ASN B 32 -14.80 -10.04 6.59
N ASP B 33 -15.77 -10.76 6.07
CA ASP B 33 -15.55 -11.75 5.03
C ASP B 33 -15.16 -11.07 3.71
N VAL B 34 -14.51 -11.84 2.83
CA VAL B 34 -14.08 -11.31 1.53
C VAL B 34 -15.28 -11.16 0.60
N GLY B 35 -15.26 -10.13 -0.24
CA GLY B 35 -16.39 -9.78 -1.06
C GLY B 35 -16.22 -10.05 -2.55
N GLU B 36 -17.34 -9.96 -3.26
CA GLU B 36 -17.38 -10.04 -4.72
C GLU B 36 -17.21 -8.63 -5.26
N LEU B 37 -16.01 -8.30 -5.69
CA LEU B 37 -15.74 -6.95 -6.19
C LEU B 37 -16.27 -6.80 -7.61
N ASN B 38 -16.93 -5.67 -7.86
CA ASN B 38 -17.40 -5.37 -9.20
C ASN B 38 -17.28 -3.86 -9.39
N ILE B 39 -17.29 -3.44 -10.66
CA ILE B 39 -17.09 -2.03 -10.96
C ILE B 39 -17.71 -1.75 -12.33
N SER B 40 -18.41 -0.61 -12.43
CA SER B 40 -19.05 -0.13 -13.65
C SER B 40 -18.08 0.74 -14.44
N PRO B 41 -18.36 0.97 -15.73
CA PRO B 41 -17.51 1.89 -16.50
C PRO B 41 -17.48 3.31 -15.94
N ASP B 42 -18.63 3.80 -15.48
CA ASP B 42 -18.66 5.12 -14.86
C ASP B 42 -17.76 5.16 -13.64
N GLU B 43 -17.75 4.09 -12.84
CA GLU B 43 -16.90 4.10 -11.66
C GLU B 43 -15.43 4.19 -12.04
N ILE B 44 -15.04 3.50 -13.12
CA ILE B 44 -13.66 3.56 -13.58
C ILE B 44 -13.29 4.99 -14.00
N VAL B 45 -14.15 5.60 -14.82
CA VAL B 45 -13.93 6.98 -15.23
C VAL B 45 -13.84 7.90 -14.02
N SER B 46 -14.73 7.72 -13.05
CA SER B 46 -14.74 8.61 -11.90
C SER B 46 -13.49 8.43 -11.06
N ILE B 47 -13.01 7.19 -10.92
CA ILE B 47 -11.75 6.93 -10.24
C ILE B 47 -10.64 7.74 -10.90
N ARG B 48 -10.55 7.65 -12.23
CA ARG B 48 -9.47 8.35 -12.91
C ARG B 48 -9.63 9.86 -12.82
N GLU B 49 -10.88 10.34 -12.82
CA GLU B 49 -11.14 11.77 -12.73
C GLU B 49 -10.82 12.30 -11.34
N GLN B 50 -10.90 11.44 -10.33
CA GLN B 50 -10.47 11.84 -8.98
C GLN B 50 -9.00 12.23 -8.95
N PHE B 51 -8.16 11.63 -9.80
CA PHE B 51 -6.75 11.98 -9.86
C PHE B 51 -6.44 13.14 -10.80
N ASN B 52 -7.42 13.64 -11.54
CA ASN B 52 -7.16 14.68 -12.54
C ASN B 52 -6.08 14.21 -13.51
N MET B 53 -6.23 12.98 -13.98
CA MET B 53 -5.30 12.40 -14.93
C MET B 53 -6.01 12.02 -16.21
N SER B 54 -5.30 12.19 -17.32
CA SER B 54 -5.75 11.70 -18.61
C SER B 54 -5.76 10.18 -18.63
N ARG B 55 -6.44 9.62 -19.63
CA ARG B 55 -6.50 8.17 -19.76
C ARG B 55 -5.11 7.58 -19.94
N GLY B 56 -4.31 8.19 -20.80
CA GLY B 56 -2.98 7.65 -21.08
C GLY B 56 -2.09 7.56 -19.86
N VAL B 57 -1.98 8.66 -19.11
CA VAL B 57 -1.12 8.69 -17.93
C VAL B 57 -1.62 7.69 -16.89
N PHE B 58 -2.93 7.64 -16.68
CA PHE B 58 -3.49 6.70 -15.71
C PHE B 58 -3.15 5.26 -16.09
N ALA B 59 -3.37 4.91 -17.35
CA ALA B 59 -3.01 3.58 -17.81
C ALA B 59 -1.52 3.30 -17.58
N ARG B 60 -0.68 4.27 -17.93
CA ARG B 60 0.77 4.11 -17.82
C ARG B 60 1.17 3.82 -16.37
N LEU B 61 0.66 4.62 -15.44
CA LEU B 61 0.99 4.43 -14.04
C LEU B 61 0.43 3.14 -13.47
N LEU B 62 -0.60 2.58 -14.08
CA LEU B 62 -1.15 1.30 -13.64
C LEU B 62 -0.62 0.13 -14.42
N HIS B 63 0.46 0.32 -15.18
CA HIS B 63 1.00 -0.75 -16.02
C HIS B 63 -0.11 -1.38 -16.84
N THR B 64 -0.85 -0.54 -17.56
CA THR B 64 -1.98 -1.02 -18.32
C THR B 64 -1.99 -0.40 -19.71
N SER B 65 -2.34 -1.19 -20.71
CA SER B 65 -2.52 -0.65 -22.04
C SER B 65 -3.64 0.39 -22.01
N SER B 66 -3.39 1.56 -22.61
CA SER B 66 -4.42 2.59 -22.61
C SER B 66 -5.59 2.20 -23.50
N ARG B 67 -5.34 1.36 -24.51
CA ARG B 67 -6.44 0.90 -25.34
C ARG B 67 -7.35 -0.04 -24.57
N THR B 68 -6.79 -0.83 -23.66
CA THR B 68 -7.61 -1.68 -22.80
C THR B 68 -8.42 -0.84 -21.81
N LEU B 69 -7.78 0.16 -21.19
CA LEU B 69 -8.52 1.04 -20.31
C LEU B 69 -9.63 1.76 -21.06
N GLU B 70 -9.35 2.11 -22.31
CA GLU B 70 -10.40 2.67 -23.18
C GLU B 70 -11.55 1.69 -23.34
N ASN B 71 -11.24 0.41 -23.62
CA ASN B 71 -12.28 -0.61 -23.72
C ASN B 71 -13.14 -0.62 -22.48
N TRP B 72 -12.51 -0.50 -21.30
CA TRP B 72 -13.27 -0.56 -20.06
C TRP B 72 -14.18 0.66 -19.90
N GLU B 73 -13.64 1.86 -20.11
CA GLU B 73 -14.41 3.06 -19.85
C GLU B 73 -15.52 3.24 -20.88
N GLN B 74 -15.32 2.79 -22.11
CA GLN B 74 -16.39 2.84 -23.08
C GLN B 74 -17.42 1.74 -22.87
N GLY B 75 -17.11 0.77 -22.02
CA GLY B 75 -18.02 -0.33 -21.80
C GLY B 75 -18.00 -1.37 -22.90
N ARG B 76 -16.89 -1.49 -23.63
CA ARG B 76 -16.76 -2.54 -24.63
C ARG B 76 -16.48 -3.90 -24.00
N SER B 77 -15.63 -3.96 -22.97
CA SER B 77 -15.33 -5.21 -22.30
C SER B 77 -15.41 -5.03 -20.80
N VAL B 78 -15.67 -6.14 -20.12
CA VAL B 78 -15.69 -6.17 -18.66
C VAL B 78 -14.27 -6.38 -18.17
N PRO B 79 -13.76 -5.54 -17.27
CA PRO B 79 -12.38 -5.73 -16.80
C PRO B 79 -12.22 -7.07 -16.12
N ASN B 80 -11.02 -7.64 -16.23
CA ASN B 80 -10.74 -8.88 -15.53
C ASN B 80 -10.73 -8.64 -14.02
N GLY B 81 -10.90 -9.73 -13.27
CA GLY B 81 -11.06 -9.58 -11.83
C GLY B 81 -9.92 -8.84 -11.18
N GLN B 82 -8.69 -9.13 -11.59
CA GLN B 82 -7.54 -8.44 -11.01
C GLN B 82 -7.55 -6.97 -11.37
N ALA B 83 -8.06 -6.62 -12.55
CA ALA B 83 -8.14 -5.21 -12.92
C ALA B 83 -9.09 -4.47 -12.00
N VAL B 84 -10.26 -5.06 -11.74
CA VAL B 84 -11.23 -4.48 -10.81
C VAL B 84 -10.60 -4.33 -9.43
N THR B 85 -9.90 -5.37 -8.97
CA THR B 85 -9.24 -5.34 -7.68
C THR B 85 -8.22 -4.22 -7.61
N LEU B 86 -7.41 -4.08 -8.64
CA LEU B 86 -6.38 -3.04 -8.67
C LEU B 86 -7.01 -1.66 -8.67
N LEU B 87 -7.99 -1.45 -9.55
CA LEU B 87 -8.71 -0.19 -9.62
C LEU B 87 -9.33 0.19 -8.27
N LYS B 88 -9.99 -0.76 -7.63
CA LYS B 88 -10.60 -0.47 -6.34
C LYS B 88 -9.56 -0.22 -5.26
N LEU B 89 -8.41 -0.91 -5.36
CA LEU B 89 -7.31 -0.66 -4.44
C LEU B 89 -6.85 0.79 -4.57
N VAL B 90 -6.65 1.26 -5.80
CA VAL B 90 -6.25 2.64 -6.03
C VAL B 90 -7.31 3.60 -5.54
N GLN B 91 -8.59 3.29 -5.81
CA GLN B 91 -9.69 4.14 -5.38
C GLN B 91 -9.68 4.31 -3.86
N ARG B 92 -9.44 3.22 -3.13
CA ARG B 92 -9.54 3.25 -1.67
C ARG B 92 -8.30 3.86 -1.04
N HIS B 93 -7.12 3.55 -1.58
CA HIS B 93 -5.84 4.08 -1.11
C HIS B 93 -5.10 4.68 -2.30
N PRO B 94 -5.33 5.96 -2.62
CA PRO B 94 -4.70 6.53 -3.83
C PRO B 94 -3.18 6.59 -3.81
N GLU B 95 -2.54 6.59 -2.64
CA GLU B 95 -1.08 6.58 -2.60
C GLU B 95 -0.53 5.32 -3.25
N THR B 96 -1.31 4.24 -3.22
CA THR B 96 -0.89 3.00 -3.88
C THR B 96 -0.44 3.27 -5.31
N LEU B 97 -1.08 4.22 -5.98
CA LEU B 97 -0.75 4.44 -7.38
C LEU B 97 0.75 4.70 -7.54
N SER B 98 1.31 5.57 -6.69
CA SER B 98 2.73 5.86 -6.83
C SER B 98 3.54 4.59 -6.66
N HIS B 99 3.21 3.79 -5.64
CA HIS B 99 3.93 2.56 -5.40
C HIS B 99 3.75 1.58 -6.56
N ILE B 100 2.57 1.57 -7.18
CA ILE B 100 2.35 0.68 -8.32
C ILE B 100 3.25 1.08 -9.47
N ALA B 101 3.44 2.39 -9.67
CA ALA B 101 4.37 2.78 -10.72
C ALA B 101 5.80 2.42 -10.33
N GLU B 102 6.08 2.34 -9.03
CA GLU B 102 7.45 2.21 -8.55
C GLU B 102 8.05 0.85 -8.88
N LEU B 103 7.23 -0.20 -8.92
CA LEU B 103 7.70 -1.57 -9.20
C LEU B 103 8.69 -1.69 -10.38
N LYS C 5 -17.30 -11.44 9.73
CA LYS C 5 -18.14 -12.61 9.94
C LYS C 5 -17.41 -13.56 10.88
N SER C 6 -16.20 -13.16 11.32
CA SER C 6 -15.43 -13.93 12.29
C SER C 6 -14.82 -12.99 13.32
N VAL C 7 -14.73 -13.47 14.55
CA VAL C 7 -14.32 -12.67 15.71
C VAL C 7 -13.11 -13.30 16.38
N PHE C 8 -12.16 -12.47 16.77
CA PHE C 8 -10.95 -12.87 17.50
C PHE C 8 -10.96 -12.22 18.89
N VAL C 9 -10.73 -13.01 19.93
CA VAL C 9 -10.63 -12.50 21.30
C VAL C 9 -9.25 -12.81 21.87
N GLU C 10 -8.50 -11.75 22.20
CA GLU C 10 -7.17 -11.86 22.77
C GLU C 10 -7.24 -12.05 24.27
N SER C 11 -6.46 -13.00 24.79
CA SER C 11 -6.25 -13.07 26.23
C SER C 11 -5.44 -11.85 26.68
N THR C 12 -5.48 -11.58 27.98
CA THR C 12 -4.62 -10.53 28.55
C THR C 12 -3.14 -10.81 28.29
N ILE C 13 -2.72 -12.07 28.37
CA ILE C 13 -1.30 -12.39 28.12
C ILE C 13 -0.96 -12.13 26.66
N PHE C 14 -1.82 -12.58 25.76
CA PHE C 14 -1.64 -12.30 24.35
C PHE C 14 -1.56 -10.80 24.11
N GLU C 15 -2.51 -10.04 24.68
CA GLU C 15 -2.48 -8.60 24.50
C GLU C 15 -1.18 -7.99 25.02
N LYS C 16 -0.68 -8.46 26.17
CA LYS C 16 0.54 -7.88 26.72
C LYS C 16 1.75 -8.16 25.84
N TYR C 17 1.81 -9.33 25.19
CA TYR C 17 3.03 -9.68 24.46
C TYR C 17 2.94 -9.60 22.94
N ARG C 18 1.73 -9.53 22.36
CA ARG C 18 1.62 -9.66 20.90
C ARG C 18 2.53 -8.69 20.17
N ASP C 19 2.59 -7.44 20.64
CA ASP C 19 3.38 -6.44 19.93
C ASP C 19 4.88 -6.73 19.93
N GLU C 20 5.38 -7.52 20.88
CA GLU C 20 6.81 -7.82 20.87
C GLU C 20 7.22 -8.79 19.77
N TYR C 21 6.29 -9.57 19.23
CA TYR C 21 6.60 -10.66 18.32
C TYR C 21 5.97 -10.46 16.94
N LEU C 22 4.82 -9.81 16.88
CA LEU C 22 4.01 -9.67 15.66
C LEU C 22 3.85 -8.18 15.45
N SER C 23 4.13 -7.69 14.24
CA SER C 23 3.63 -6.37 13.90
C SER C 23 2.12 -6.37 13.74
N ASP C 24 1.57 -5.14 13.78
CA ASP C 24 0.14 -4.95 13.54
C ASP C 24 -0.30 -5.50 12.19
N GLU C 25 0.50 -5.26 11.14
CA GLU C 25 0.16 -5.71 9.80
C GLU C 25 0.22 -7.23 9.70
N GLU C 26 1.26 -7.82 10.28
CA GLU C 26 1.38 -9.26 10.30
C GLU C 26 0.18 -9.85 11.00
N TYR C 27 -0.27 -9.20 12.08
CA TYR C 27 -1.44 -9.65 12.83
C TYR C 27 -2.72 -9.55 11.99
N ARG C 28 -2.86 -8.50 11.17
CA ARG C 28 -4.05 -8.40 10.32
C ARG C 28 -4.08 -9.51 9.28
N LEU C 29 -2.93 -9.80 8.68
CA LEU C 29 -2.88 -10.87 7.69
C LEU C 29 -3.09 -12.22 8.35
N PHE C 30 -2.58 -12.38 9.58
CA PHE C 30 -2.81 -13.60 10.35
C PHE C 30 -4.29 -13.83 10.61
N GLN C 31 -5.00 -12.78 11.01
CA GLN C 31 -6.43 -12.92 11.22
C GLN C 31 -7.13 -13.35 9.94
N ALA C 32 -6.74 -12.75 8.80
CA ALA C 32 -7.40 -13.15 7.54
C ALA C 32 -7.12 -14.62 7.21
N GLU C 33 -5.87 -15.05 7.41
CA GLU C 33 -5.49 -16.42 7.13
C GLU C 33 -6.30 -17.40 7.96
N LEU C 34 -6.44 -17.11 9.26
CA LEU C 34 -7.16 -18.03 10.15
C LEU C 34 -8.65 -18.05 9.84
N MET C 35 -9.20 -16.91 9.46
CA MET C 35 -10.64 -16.90 9.18
C MET C 35 -10.91 -17.77 7.96
N LEU C 36 -10.03 -17.73 6.98
CA LEU C 36 -10.22 -18.56 5.79
C LEU C 36 -10.12 -20.04 6.11
N ASN C 37 -9.25 -20.42 7.05
CA ASN C 37 -9.03 -21.82 7.39
C ASN C 37 -8.86 -21.98 8.89
N PRO C 38 -9.97 -22.20 9.61
CA PRO C 38 -9.90 -22.33 11.07
C PRO C 38 -9.07 -23.51 11.54
N LYS C 39 -8.78 -24.48 10.67
CA LYS C 39 -7.95 -25.64 10.97
C LYS C 39 -6.49 -25.47 10.58
N LEU C 40 -6.03 -24.23 10.39
CA LEU C 40 -4.65 -24.02 9.94
C LEU C 40 -3.67 -24.55 10.97
N GLY C 41 -3.95 -24.34 12.25
CA GLY C 41 -3.08 -24.86 13.28
C GLY C 41 -3.29 -26.35 13.52
N ASP C 42 -2.20 -27.03 13.87
CA ASP C 42 -2.25 -28.45 14.16
C ASP C 42 -2.82 -28.71 15.55
N VAL C 43 -3.71 -29.71 15.66
CA VAL C 43 -4.24 -30.11 16.95
C VAL C 43 -3.11 -30.61 17.85
N ILE C 44 -3.07 -30.10 19.08
CA ILE C 44 -2.17 -30.62 20.11
C ILE C 44 -2.75 -31.90 20.69
N GLN C 45 -2.03 -33.01 20.52
CA GLN C 45 -2.57 -34.32 20.90
C GLN C 45 -2.95 -34.35 22.37
N GLY C 46 -4.16 -34.84 22.63
CA GLY C 46 -4.61 -35.10 23.99
C GLY C 46 -5.09 -33.89 24.77
N THR C 47 -5.37 -32.76 24.11
CA THR C 47 -5.76 -31.55 24.82
C THR C 47 -7.21 -31.14 24.59
N GLY C 48 -8.02 -31.96 23.91
CA GLY C 48 -9.39 -31.58 23.63
C GLY C 48 -9.60 -30.52 22.56
N GLY C 49 -8.65 -30.35 21.64
CA GLY C 49 -8.85 -29.51 20.47
C GLY C 49 -8.14 -28.18 20.42
N LEU C 50 -7.22 -27.90 21.34
CA LEU C 50 -6.40 -26.69 21.25
C LEU C 50 -5.49 -26.78 20.04
N ARG C 51 -5.26 -25.65 19.36
CA ARG C 51 -4.43 -25.68 18.16
C ARG C 51 -3.24 -24.75 18.32
N LYS C 52 -2.12 -25.16 17.71
CA LYS C 52 -0.86 -24.44 17.76
C LYS C 52 -0.37 -24.16 16.35
N ILE C 53 -0.02 -22.91 16.08
CA ILE C 53 0.41 -22.53 14.75
C ILE C 53 1.66 -21.67 14.85
N ARG C 54 2.63 -21.91 13.97
CA ARG C 54 3.82 -21.10 13.92
C ARG C 54 3.43 -20.09 12.85
N VAL C 55 3.71 -18.81 13.08
CA VAL C 55 3.38 -17.84 12.04
C VAL C 55 4.49 -16.87 11.70
N ALA C 56 5.68 -17.10 12.23
CA ALA C 56 6.82 -16.24 11.89
C ALA C 56 7.73 -16.95 10.90
N SER C 57 7.17 -17.87 10.11
CA SER C 57 7.90 -18.68 9.16
C SER C 57 7.41 -18.37 7.75
N LYS C 58 8.36 -18.08 6.86
CA LYS C 58 8.09 -17.82 5.45
C LYS C 58 8.02 -19.12 4.67
N GLY C 59 7.61 -20.19 5.33
CA GLY C 59 7.52 -21.51 4.72
C GLY C 59 8.63 -22.43 5.18
N LYS C 60 8.26 -23.42 5.98
CA LYS C 60 9.16 -24.41 6.57
C LYS C 60 10.24 -23.77 7.44
N GLY C 61 10.01 -22.55 7.93
CA GLY C 61 10.96 -21.87 8.80
C GLY C 61 10.79 -22.35 10.23
N LYS C 62 11.18 -23.60 10.52
CA LYS C 62 10.91 -24.19 11.83
C LYS C 62 11.75 -23.57 12.93
N ARG C 63 13.03 -23.34 12.64
CA ARG C 63 13.95 -22.86 13.68
C ARG C 63 13.53 -21.49 14.19
N GLY C 64 13.33 -20.52 13.30
CA GLY C 64 12.86 -19.20 13.67
C GLY C 64 11.36 -19.22 13.83
N GLY C 65 10.82 -18.18 14.43
CA GLY C 65 9.39 -18.29 14.57
C GLY C 65 8.75 -17.98 15.90
N SER C 66 7.59 -17.37 15.79
CA SER C 66 6.68 -17.08 16.87
C SER C 66 5.61 -18.16 16.87
N ARG C 67 4.95 -18.35 18.01
CA ARG C 67 3.95 -19.41 18.12
C ARG C 67 2.71 -18.80 18.74
N ILE C 68 1.55 -19.22 18.22
CA ILE C 68 0.25 -18.88 18.78
C ILE C 68 -0.54 -20.14 19.08
N ILE C 69 -1.15 -20.19 20.27
CA ILE C 69 -2.10 -21.23 20.63
C ILE C 69 -3.49 -20.60 20.62
N TYR C 70 -4.45 -21.28 19.99
CA TYR C 70 -5.79 -20.71 19.84
C TYR C 70 -6.82 -21.82 19.98
N TYR C 71 -8.08 -21.42 20.16
CA TYR C 71 -9.19 -22.36 20.09
C TYR C 71 -10.36 -21.81 19.27
N PHE C 72 -10.89 -22.65 18.37
CA PHE C 72 -12.03 -22.29 17.51
C PHE C 72 -13.34 -22.86 18.07
N LEU C 73 -14.22 -21.94 18.44
CA LEU C 73 -15.59 -22.12 18.93
C LEU C 73 -16.63 -22.16 17.81
N ASP C 74 -17.11 -23.36 17.41
CA ASP C 74 -17.89 -23.42 16.18
C ASP C 74 -18.98 -22.34 16.26
N GLU C 75 -19.70 -22.23 17.38
CA GLU C 75 -20.81 -21.30 17.40
C GLU C 75 -20.16 -19.93 17.34
N LYS C 76 -20.83 -18.95 16.77
CA LYS C 76 -20.36 -17.56 16.72
C LYS C 76 -19.09 -17.26 15.88
N ARG C 77 -18.49 -18.22 15.17
CA ARG C 77 -17.24 -17.94 14.43
C ARG C 77 -16.15 -17.25 15.24
N ARG C 78 -15.88 -17.73 16.46
CA ARG C 78 -15.05 -16.98 17.41
C ARG C 78 -13.78 -17.74 17.80
N PHE C 79 -12.63 -17.11 17.58
CA PHE C 79 -11.30 -17.60 17.92
C PHE C 79 -10.78 -17.00 19.24
N TYR C 80 -10.51 -17.85 20.23
CA TYR C 80 -9.78 -17.42 21.43
C TYR C 80 -8.27 -17.58 21.27
N LEU C 81 -7.55 -16.44 21.21
CA LEU C 81 -6.09 -16.43 21.09
C LEU C 81 -5.44 -16.44 22.47
N LEU C 82 -4.88 -17.58 22.87
CA LEU C 82 -4.53 -17.87 24.25
C LEU C 82 -3.13 -17.40 24.66
N THR C 83 -2.10 -17.59 23.83
CA THR C 83 -0.78 -17.07 24.17
C THR C 83 0.07 -16.87 22.92
N ILE C 84 1.18 -16.14 23.12
CA ILE C 84 2.16 -15.79 22.09
C ILE C 84 3.55 -15.80 22.74
N TYR C 85 4.53 -16.35 22.03
CA TYR C 85 5.84 -16.56 22.62
C TYR C 85 6.90 -16.76 21.54
N GLY C 86 8.18 -16.70 21.98
CA GLY C 86 9.27 -17.07 21.11
C GLY C 86 9.41 -18.57 21.04
N LYS C 87 9.92 -19.04 19.89
CA LYS C 87 9.87 -20.47 19.58
C LYS C 87 10.54 -21.36 20.62
N ASN C 88 11.71 -20.99 21.13
CA ASN C 88 12.34 -21.95 22.04
C ASN C 88 12.35 -21.44 23.49
N GLU C 89 11.40 -20.57 23.88
CA GLU C 89 11.44 -20.07 25.25
C GLU C 89 10.41 -20.71 26.20
N MET C 90 9.88 -21.87 25.85
CA MET C 90 8.75 -22.40 26.62
C MET C 90 8.84 -23.91 26.78
N SER C 91 8.53 -24.35 27.99
CA SER C 91 8.48 -25.76 28.32
C SER C 91 7.33 -26.42 27.58
N ASP C 92 7.33 -27.75 27.62
CA ASP C 92 6.25 -28.52 27.01
C ASP C 92 5.22 -28.88 28.08
N LEU C 93 4.10 -29.41 27.62
CA LEU C 93 3.01 -29.83 28.48
C LEU C 93 3.16 -31.32 28.63
N ASN C 94 3.28 -31.75 29.88
CA ASN C 94 3.35 -33.15 30.23
C ASN C 94 1.99 -33.80 30.22
N ALA C 95 2.02 -35.12 30.39
CA ALA C 95 0.83 -35.95 30.21
C ALA C 95 -0.28 -35.59 31.19
N ASN C 96 0.06 -35.27 32.44
CA ASN C 96 -0.99 -34.89 33.38
C ASN C 96 -1.62 -33.57 32.97
N GLN C 97 -0.79 -32.62 32.54
CA GLN C 97 -1.33 -31.35 32.07
C GLN C 97 -2.25 -31.55 30.88
N ARG C 98 -1.83 -32.38 29.91
CA ARG C 98 -2.69 -32.65 28.75
C ARG C 98 -4.01 -33.29 29.17
N LYS C 99 -3.95 -34.26 30.08
CA LYS C 99 -5.19 -34.90 30.54
C LYS C 99 -6.11 -33.87 31.18
N GLN C 100 -5.54 -32.93 31.94
CA GLN C 100 -6.35 -31.89 32.58
C GLN C 100 -7.00 -30.97 31.55
N LEU C 101 -6.24 -30.57 30.53
CA LEU C 101 -6.83 -29.76 29.47
C LEU C 101 -7.91 -30.52 28.72
N MET C 102 -7.68 -31.80 28.44
CA MET C 102 -8.69 -32.59 27.74
C MET C 102 -9.98 -32.62 28.54
N ALA C 103 -9.88 -32.80 29.86
CA ALA C 103 -11.07 -32.81 30.69
C ALA C 103 -11.78 -31.45 30.67
N PHE C 104 -11.01 -30.36 30.74
CA PHE C 104 -11.60 -29.02 30.67
C PHE C 104 -12.33 -28.78 29.36
N MET C 105 -11.71 -29.17 28.25
CA MET C 105 -12.30 -28.98 26.93
C MET C 105 -13.56 -29.82 26.80
N GLU C 106 -13.54 -31.04 27.35
CA GLU C 106 -14.72 -31.88 27.30
C GLU C 106 -15.85 -31.28 28.12
N ALA C 107 -15.53 -30.71 29.29
CA ALA C 107 -16.58 -30.06 30.07
C ALA C 107 -17.16 -28.88 29.32
N TRP C 108 -16.34 -28.11 28.61
CA TRP C 108 -16.95 -26.99 27.83
C TRP C 108 -17.85 -27.59 26.76
N ARG C 109 -17.30 -28.51 25.96
CA ARG C 109 -18.14 -29.06 24.88
C ARG C 109 -19.43 -29.68 25.42
N ASN C 110 -19.39 -30.26 26.62
CA ASN C 110 -20.59 -30.84 27.22
C ASN C 110 -21.57 -29.73 27.61
N GLU C 111 -21.04 -28.61 28.12
CA GLU C 111 -21.89 -27.51 28.52
C GLU C 111 -22.63 -26.89 27.34
N GLN C 112 -22.04 -26.95 26.14
CA GLN C 112 -22.63 -26.34 24.95
C GLN C 112 -23.34 -27.38 24.08
N HIS D 3 11.85 8.08 -22.26
CA HIS D 3 12.15 8.74 -20.99
C HIS D 3 12.83 7.79 -20.01
N MET D 4 14.07 7.41 -20.30
CA MET D 4 14.87 6.56 -19.42
C MET D 4 14.90 6.93 -17.95
N LYS D 5 14.71 8.22 -17.61
CA LYS D 5 14.92 8.74 -16.27
C LYS D 5 14.75 10.25 -16.21
N SER D 6 14.13 10.76 -15.14
CA SER D 6 13.98 12.19 -14.93
C SER D 6 14.32 12.57 -13.51
N VAL D 7 14.86 13.78 -13.36
CA VAL D 7 15.37 14.30 -12.10
C VAL D 7 14.62 15.57 -11.76
N PHE D 8 14.26 15.71 -10.48
CA PHE D 8 13.58 16.90 -9.95
C PHE D 8 14.56 17.58 -9.01
N VAL D 9 14.74 18.89 -9.18
CA VAL D 9 15.60 19.69 -8.31
C VAL D 9 14.77 20.76 -7.63
N GLU D 10 14.70 20.69 -6.29
CA GLU D 10 13.94 21.65 -5.51
C GLU D 10 14.77 22.89 -5.25
N SER D 11 14.19 24.05 -5.47
CA SER D 11 14.84 25.26 -4.99
C SER D 11 14.81 25.27 -3.47
N THR D 12 15.66 26.09 -2.88
CA THR D 12 15.59 26.27 -1.43
C THR D 12 14.20 26.75 -1.01
N ILE D 13 13.59 27.64 -1.80
CA ILE D 13 12.26 28.15 -1.44
C ILE D 13 11.24 27.02 -1.53
N PHE D 14 11.28 26.27 -2.63
CA PHE D 14 10.41 25.12 -2.79
C PHE D 14 10.62 24.12 -1.67
N GLU D 15 11.88 23.78 -1.38
CA GLU D 15 12.13 22.84 -0.30
C GLU D 15 11.56 23.37 1.01
N LYS D 16 11.69 24.68 1.26
CA LYS D 16 11.21 25.26 2.51
C LYS D 16 9.68 25.18 2.64
N TYR D 17 8.95 25.31 1.53
CA TYR D 17 7.49 25.39 1.65
C TYR D 17 6.72 24.15 1.21
N ARG D 18 7.34 23.22 0.48
CA ARG D 18 6.57 22.14 -0.12
C ARG D 18 5.71 21.42 0.91
N ASP D 19 6.25 21.18 2.10
CA ASP D 19 5.50 20.42 3.09
C ASP D 19 4.25 21.13 3.58
N GLU D 20 4.16 22.47 3.46
CA GLU D 20 2.94 23.13 3.92
C GLU D 20 1.76 22.87 2.99
N TYR D 21 2.01 22.48 1.73
CA TYR D 21 0.97 22.39 0.73
C TYR D 21 0.78 20.97 0.18
N LEU D 22 1.84 20.16 0.11
CA LEU D 22 1.83 18.84 -0.52
C LEU D 22 2.29 17.86 0.55
N SER D 23 1.54 16.78 0.74
CA SER D 23 2.12 15.66 1.44
C SER D 23 3.20 14.97 0.64
N ASP D 24 4.00 14.17 1.35
CA ASP D 24 5.02 13.35 0.70
C ASP D 24 4.41 12.44 -0.35
N GLU D 25 3.25 11.83 -0.06
CA GLU D 25 2.63 10.92 -1.02
C GLU D 25 2.14 11.69 -2.23
N GLU D 26 1.50 12.83 -1.97
CA GLU D 26 1.04 13.71 -3.05
C GLU D 26 2.22 14.16 -3.89
N TYR D 27 3.34 14.48 -3.24
CA TYR D 27 4.55 14.91 -3.94
C TYR D 27 5.13 13.81 -4.81
N ARG D 28 5.09 12.57 -4.32
CA ARG D 28 5.59 11.43 -5.07
C ARG D 28 4.73 11.19 -6.30
N LEU D 29 3.42 11.28 -6.15
CA LEU D 29 2.55 11.09 -7.31
C LEU D 29 2.71 12.24 -8.30
N PHE D 30 2.93 13.46 -7.78
CA PHE D 30 3.20 14.61 -8.63
C PHE D 30 4.45 14.43 -9.48
N GLN D 31 5.53 13.94 -8.87
CA GLN D 31 6.74 13.69 -9.64
C GLN D 31 6.47 12.66 -10.73
N ALA D 32 5.72 11.60 -10.42
CA ALA D 32 5.44 10.61 -11.45
C ALA D 32 4.64 11.22 -12.61
N GLU D 33 3.66 12.05 -12.26
CA GLU D 33 2.83 12.69 -13.28
C GLU D 33 3.70 13.56 -14.18
N LEU D 34 4.61 14.33 -13.59
CA LEU D 34 5.42 15.22 -14.40
C LEU D 34 6.41 14.46 -15.27
N MET D 35 6.94 13.39 -14.76
CA MET D 35 7.90 12.60 -15.57
C MET D 35 7.17 12.08 -16.80
N LEU D 36 5.93 11.67 -16.64
CA LEU D 36 5.13 11.15 -17.74
C LEU D 36 4.79 12.25 -18.74
N ASN D 37 4.56 13.47 -18.26
CA ASN D 37 4.20 14.58 -19.16
C ASN D 37 4.89 15.85 -18.69
N PRO D 38 6.11 16.10 -19.19
CA PRO D 38 6.85 17.30 -18.78
C PRO D 38 6.14 18.60 -19.17
N LYS D 39 5.17 18.52 -20.08
CA LYS D 39 4.36 19.64 -20.52
C LYS D 39 3.05 19.74 -19.75
N LEU D 40 2.98 19.09 -18.58
CA LEU D 40 1.72 19.10 -17.84
C LEU D 40 1.32 20.51 -17.43
N GLY D 41 2.28 21.31 -16.97
CA GLY D 41 1.95 22.67 -16.61
C GLY D 41 1.84 23.57 -17.82
N ASP D 42 0.93 24.54 -17.72
CA ASP D 42 0.75 25.51 -18.78
C ASP D 42 1.84 26.57 -18.73
N VAL D 43 2.35 26.92 -19.91
CA VAL D 43 3.35 27.98 -20.02
C VAL D 43 2.78 29.30 -19.54
N ILE D 44 3.55 29.98 -18.68
CA ILE D 44 3.26 31.34 -18.27
C ILE D 44 3.68 32.27 -19.39
N GLN D 45 2.72 32.98 -19.97
CA GLN D 45 2.95 33.78 -21.17
C GLN D 45 4.07 34.79 -20.96
N GLY D 46 4.99 34.83 -21.92
CA GLY D 46 6.02 35.85 -21.94
C GLY D 46 7.17 35.64 -21.01
N THR D 47 7.36 34.43 -20.47
CA THR D 47 8.42 34.18 -19.51
C THR D 47 9.54 33.30 -20.03
N GLY D 48 9.54 32.97 -21.32
CA GLY D 48 10.59 32.09 -21.80
C GLY D 48 10.43 30.64 -21.41
N GLY D 49 9.21 30.19 -21.11
CA GLY D 49 8.95 28.77 -20.92
C GLY D 49 8.69 28.30 -19.51
N LEU D 50 8.52 29.20 -18.55
CA LEU D 50 8.13 28.79 -17.21
C LEU D 50 6.74 28.20 -17.27
N ARG D 51 6.50 27.16 -16.46
CA ARG D 51 5.23 26.48 -16.47
C ARG D 51 4.58 26.49 -15.09
N LYS D 52 3.25 26.55 -15.07
CA LYS D 52 2.45 26.61 -13.85
C LYS D 52 1.46 25.45 -13.84
N ILE D 53 1.39 24.72 -12.73
CA ILE D 53 0.53 23.55 -12.63
C ILE D 53 -0.27 23.60 -11.33
N ARG D 54 -1.56 23.26 -11.43
CA ARG D 54 -2.47 23.19 -10.30
C ARG D 54 -2.49 21.76 -9.77
N VAL D 55 -2.45 21.60 -8.45
CA VAL D 55 -2.52 20.27 -7.86
C VAL D 55 -3.56 20.29 -6.74
N ALA D 56 -3.82 19.10 -6.19
CA ALA D 56 -4.73 18.90 -5.07
C ALA D 56 -6.17 19.20 -5.47
N SER D 57 -6.45 19.18 -6.77
CA SER D 57 -7.78 19.45 -7.33
C SER D 57 -8.23 18.30 -8.21
N LYS D 58 -9.39 17.71 -7.92
CA LYS D 58 -9.95 16.71 -8.81
C LYS D 58 -10.90 17.28 -9.86
N GLY D 59 -11.05 18.61 -9.92
CA GLY D 59 -12.14 19.22 -10.67
C GLY D 59 -12.54 20.51 -9.99
N LYS D 60 -12.73 21.58 -10.77
CA LYS D 60 -13.00 22.90 -10.21
C LYS D 60 -11.77 23.37 -9.42
N GLY D 61 -10.60 23.19 -10.03
CA GLY D 61 -9.33 23.38 -9.38
C GLY D 61 -8.99 24.80 -9.02
N LYS D 62 -9.77 25.79 -9.47
CA LYS D 62 -9.46 27.16 -9.09
C LYS D 62 -9.72 27.39 -7.60
N ARG D 63 -10.85 26.88 -7.11
CA ARG D 63 -11.20 26.96 -5.70
C ARG D 63 -10.21 26.17 -4.86
N GLY D 64 -9.75 25.03 -5.37
CA GLY D 64 -8.84 24.20 -4.61
C GLY D 64 -7.46 24.80 -4.46
N GLY D 65 -6.69 24.20 -3.57
CA GLY D 65 -5.43 24.79 -3.15
C GLY D 65 -4.17 24.36 -3.88
N SER D 66 -3.28 25.35 -4.08
CA SER D 66 -1.89 25.39 -4.60
C SER D 66 -1.57 25.45 -6.08
N ARG D 67 -0.37 25.99 -6.33
CA ARG D 67 0.26 26.26 -7.61
C ARG D 67 1.72 25.84 -7.53
N ILE D 68 2.25 25.25 -8.60
CA ILE D 68 3.68 25.02 -8.69
C ILE D 68 4.18 25.67 -9.97
N ILE D 69 5.28 26.41 -9.89
CA ILE D 69 5.98 26.94 -11.06
C ILE D 69 7.29 26.19 -11.24
N TYR D 70 7.57 25.77 -12.47
CA TYR D 70 8.75 24.97 -12.77
C TYR D 70 9.35 25.36 -14.13
N TYR D 71 10.58 24.90 -14.35
CA TYR D 71 11.21 24.97 -15.66
C TYR D 71 11.87 23.64 -15.98
N PHE D 72 11.61 23.13 -17.18
CA PHE D 72 12.16 21.87 -17.63
C PHE D 72 13.37 22.08 -18.56
N LEU D 73 14.53 21.62 -18.12
CA LEU D 73 15.76 21.65 -18.91
C LEU D 73 15.85 20.39 -19.77
N ASP D 74 15.39 20.53 -21.03
CA ASP D 74 15.17 19.38 -21.90
C ASP D 74 16.41 18.51 -22.05
N GLU D 75 17.56 19.14 -22.36
CA GLU D 75 18.72 18.34 -22.74
C GLU D 75 19.30 17.57 -21.56
N LYS D 76 18.92 17.93 -20.34
CA LYS D 76 19.31 17.22 -19.15
C LYS D 76 18.16 16.47 -18.49
N ARG D 77 16.96 16.51 -19.08
CA ARG D 77 15.76 15.91 -18.49
C ARG D 77 15.59 16.32 -17.03
N ARG D 78 15.76 17.61 -16.76
CA ARG D 78 15.87 18.07 -15.37
C ARG D 78 14.77 19.09 -15.09
N PHE D 79 13.95 18.83 -14.07
CA PHE D 79 12.90 19.77 -13.68
C PHE D 79 13.40 20.62 -12.51
N TYR D 80 13.46 21.93 -12.70
CA TYR D 80 13.67 22.87 -11.62
C TYR D 80 12.33 23.30 -11.04
N LEU D 81 12.05 22.88 -9.80
CA LEU D 81 10.81 23.24 -9.10
C LEU D 81 11.06 24.54 -8.33
N LEU D 82 10.52 25.66 -8.84
CA LEU D 82 10.95 26.98 -8.41
C LEU D 82 10.19 27.50 -7.19
N THR D 83 8.86 27.34 -7.16
CA THR D 83 8.08 27.75 -5.99
C THR D 83 6.77 26.99 -5.90
N ILE D 84 6.13 27.12 -4.74
CA ILE D 84 4.86 26.50 -4.41
C ILE D 84 4.07 27.46 -3.51
N TYR D 85 2.76 27.59 -3.75
CA TYR D 85 1.97 28.61 -3.05
C TYR D 85 0.48 28.24 -3.12
N GLY D 86 -0.32 28.93 -2.27
CA GLY D 86 -1.77 28.82 -2.35
C GLY D 86 -2.36 29.70 -3.43
N LYS D 87 -3.51 29.29 -3.98
CA LYS D 87 -3.98 29.99 -5.18
C LYS D 87 -4.25 31.48 -4.97
N ASN D 88 -4.69 31.90 -3.77
CA ASN D 88 -4.97 33.33 -3.61
C ASN D 88 -3.98 33.95 -2.62
N GLU D 89 -2.79 33.36 -2.49
CA GLU D 89 -1.79 33.85 -1.54
C GLU D 89 -0.74 34.77 -2.14
N MET D 90 -0.72 34.92 -3.45
CA MET D 90 0.40 35.60 -4.09
C MET D 90 -0.11 36.46 -5.22
N SER D 91 0.45 37.66 -5.33
CA SER D 91 0.08 38.58 -6.40
C SER D 91 0.54 37.99 -7.73
N ASP D 92 0.07 38.63 -8.80
CA ASP D 92 0.44 38.21 -10.13
C ASP D 92 1.62 39.05 -10.63
N LEU D 93 2.16 38.63 -11.77
CA LEU D 93 3.31 39.25 -12.39
C LEU D 93 2.83 40.21 -13.46
N ASN D 94 3.24 41.45 -13.32
CA ASN D 94 2.97 42.49 -14.28
C ASN D 94 3.94 42.36 -15.46
N ALA D 95 3.68 43.17 -16.47
CA ALA D 95 4.36 43.03 -17.76
C ALA D 95 5.88 43.21 -17.63
N ASN D 96 6.34 44.13 -16.79
CA ASN D 96 7.78 44.30 -16.66
C ASN D 96 8.43 43.08 -16.01
N GLN D 97 7.79 42.51 -14.99
CA GLN D 97 8.32 41.31 -14.38
C GLN D 97 8.42 40.17 -15.39
N ARG D 98 7.36 39.96 -16.19
CA ARG D 98 7.42 38.91 -17.21
C ARG D 98 8.52 39.17 -18.22
N LYS D 99 8.66 40.41 -18.69
CA LYS D 99 9.71 40.72 -19.66
C LYS D 99 11.09 40.42 -19.07
N GLN D 100 11.28 40.73 -17.79
CA GLN D 100 12.56 40.47 -17.15
C GLN D 100 12.84 38.98 -17.04
N LEU D 101 11.81 38.20 -16.67
CA LEU D 101 11.99 36.75 -16.63
C LEU D 101 12.30 36.19 -18.02
N MET D 102 11.60 36.68 -19.04
CA MET D 102 11.86 36.22 -20.39
C MET D 102 13.30 36.50 -20.78
N ALA D 103 13.81 37.69 -20.44
CA ALA D 103 15.19 38.02 -20.76
C ALA D 103 16.16 37.10 -20.02
N PHE D 104 15.90 36.83 -18.74
CA PHE D 104 16.77 35.90 -18.00
C PHE D 104 16.80 34.51 -18.61
N MET D 105 15.62 33.98 -18.95
CA MET D 105 15.57 32.64 -19.53
C MET D 105 16.25 32.59 -20.88
N GLU D 106 16.08 33.63 -21.70
CA GLU D 106 16.72 33.63 -23.01
C GLU D 106 18.23 33.72 -22.87
N ALA D 107 18.73 34.55 -21.94
CA ALA D 107 20.18 34.60 -21.79
C ALA D 107 20.73 33.27 -21.29
N TRP D 108 20.00 32.60 -20.38
CA TRP D 108 20.45 31.29 -19.89
C TRP D 108 20.46 30.26 -21.01
N ARG D 109 19.39 30.17 -21.79
CA ARG D 109 19.31 29.22 -22.91
C ARG D 109 20.37 29.51 -23.97
N ASN D 110 20.69 30.80 -24.15
CA ASN D 110 21.70 31.24 -25.10
C ASN D 110 23.11 30.82 -24.64
N GLU D 111 23.35 30.84 -23.32
CA GLU D 111 24.65 30.50 -22.78
C GLU D 111 25.06 29.06 -23.10
N GLN D 112 24.09 28.14 -23.23
CA GLN D 112 24.42 26.74 -23.51
C GLN D 112 23.44 26.10 -24.50
MG MG G . 9.99 -14.09 -3.57
MG MG H . 9.73 -22.85 -6.32
MG MG I . 11.79 -9.95 -2.51
MG MG J . -18.87 10.36 -13.76
MG MG K . 11.15 19.07 2.03
MG MG L . -7.00 -12.77 -24.54
MG MG M . -2.37 -6.48 -30.70
MG MG N . -1.35 0.73 -33.55
MG MG O . -11.23 24.96 -25.88
MG MG P . 3.25 -26.64 -6.41
#